data_9BXW
#
_entry.id   9BXW
#
_cell.length_a   62.701
_cell.length_b   66.827
_cell.length_c   92.457
_cell.angle_alpha   90.00
_cell.angle_beta   90.00
_cell.angle_gamma   90.00
#
_symmetry.space_group_name_H-M   'P 21 21 21'
#
loop_
_entity.id
_entity.type
_entity.pdbx_description
1 polymer 'HIV-1 LM/HS clade A/E CRF01 gp120 core'
2 non-polymer 2-acetamido-2-deoxy-beta-D-glucopyranose
3 non-polymer '4-(2-HYDROXYETHYL)-1-PIPERAZINE ETHANESULFONIC ACID'
4 non-polymer (3S,5R)-1-[4-(2-carbamimidamidoethyl)piperazine-1-carbonyl]-N-(4-chloro-3-fluorophenyl)-5-(hydroxymethyl)piperidine-3-carboxamide
5 non-polymer (4S)-2-METHYL-2,4-PENTANEDIOL
6 water water
#
_entity_poly.entity_id   1
_entity_poly.type   'polypeptide(L)'
_entity_poly.pdbx_seq_one_letter_code
;VPVWKDADTTLFCASDAKAYETEVHNVWATHACVPTDPNPQEIHLENVTENFNMWKNNMVEQMHEDIISLWDQSLQPCVK
LTGGSVIKQACPKISFDPIPIHYCTPAGYVILKCNDKNFNGTGPCKNVSSVQCTHGIKPVVSTQLLLNGSLAEEEIIIRS
ENLTNNAKTIIVHLNKSVEINCTRPSNGGSGSGGDIRKAYCEINGTKWNKVLKQVTEKLKEHFNNKTIIFQPPSGGDLEI
TMHSFNCRGEFFYCNTTQLFNNTCIGNETMKGCNGTITLPCKIKQIINMWQGTGQAMYAPPIDGKINCVSNITGILLTRD
GGANNTSNETFRPGGGDMRDNWRSELYKYKVVQIE
;
_entity_poly.pdbx_strand_id   A
#
loop_
_chem_comp.id
_chem_comp.type
_chem_comp.name
_chem_comp.formula
A1ATD non-polymer (3S,5R)-1-[4-(2-carbamimidamidoethyl)piperazine-1-carbonyl]-N-(4-chloro-3-fluorophenyl)-5-(hydroxymethyl)piperidine-3-carboxamide 'C21 H31 Cl F N7 O3'
EPE non-polymer '4-(2-HYDROXYETHYL)-1-PIPERAZINE ETHANESULFONIC ACID' 'C8 H18 N2 O4 S'
MPD non-polymer (4S)-2-METHYL-2,4-PENTANEDIOL 'C6 H14 O2'
NAG D-saccharide, beta linking 2-acetamido-2-deoxy-beta-D-glucopyranose 'C8 H15 N O6'
#
# COMPACT_ATOMS: atom_id res chain seq x y z
N VAL A 3 25.66 -15.18 -15.19
CA VAL A 3 25.07 -16.28 -14.42
C VAL A 3 24.73 -15.77 -13.02
N TRP A 4 23.72 -16.36 -12.41
CA TRP A 4 23.22 -15.86 -11.14
C TRP A 4 22.41 -16.95 -10.44
N LYS A 5 22.16 -16.73 -9.15
CA LYS A 5 21.33 -17.60 -8.35
C LYS A 5 20.53 -16.74 -7.38
N ASP A 6 19.34 -17.24 -7.03
CA ASP A 6 18.52 -16.55 -6.05
C ASP A 6 19.32 -16.31 -4.77
N ALA A 7 19.24 -15.09 -4.26
CA ALA A 7 20.04 -14.74 -3.09
C ALA A 7 19.42 -13.55 -2.38
N ASP A 8 19.74 -13.42 -1.11
CA ASP A 8 19.41 -12.25 -0.31
C ASP A 8 20.70 -11.52 0.07
N THR A 9 20.63 -10.20 0.13
CA THR A 9 21.74 -9.38 0.60
C THR A 9 21.15 -8.09 1.14
N THR A 10 21.99 -7.31 1.84
CA THR A 10 21.54 -6.03 2.37
C THR A 10 21.46 -5.00 1.26
N LEU A 11 20.29 -4.37 1.10
CA LEU A 11 20.11 -3.37 0.07
C LEU A 11 20.49 -1.99 0.62
N PHE A 12 20.64 -1.02 -0.29
CA PHE A 12 20.76 0.38 0.09
C PHE A 12 19.73 1.19 -0.69
N CYS A 13 19.35 2.35 -0.15
CA CYS A 13 18.28 3.15 -0.70
C CYS A 13 18.81 4.41 -1.37
N ALA A 14 18.06 4.90 -2.36
CA ALA A 14 18.40 6.12 -3.08
C ALA A 14 17.14 6.95 -3.30
N SER A 15 17.25 8.26 -3.17
CA SER A 15 16.10 9.15 -3.31
C SER A 15 16.55 10.52 -3.81
N ASP A 16 15.57 11.32 -4.20
CA ASP A 16 15.76 12.69 -4.67
C ASP A 16 15.54 13.70 -3.55
N ALA A 17 15.96 13.38 -2.34
CA ALA A 17 15.71 14.25 -1.20
C ALA A 17 16.37 15.61 -1.40
N LYS A 18 15.75 16.63 -0.80
CA LYS A 18 16.20 18.01 -0.92
C LYS A 18 16.86 18.47 0.38
N ALA A 19 17.68 19.51 0.26
CA ALA A 19 18.39 20.08 1.39
C ALA A 19 17.55 21.15 2.08
N TYR A 20 17.62 21.18 3.42
CA TYR A 20 16.91 22.13 4.27
C TYR A 20 15.42 21.85 4.42
N GLU A 21 14.84 21.01 3.58
CA GLU A 21 13.43 20.70 3.72
C GLU A 21 13.21 19.91 5.00
N THR A 22 12.22 20.32 5.79
CA THR A 22 11.97 19.70 7.08
C THR A 22 10.97 18.54 7.00
N GLU A 23 10.33 18.33 5.86
CA GLU A 23 9.44 17.18 5.71
C GLU A 23 10.17 15.90 6.11
N VAL A 24 9.48 15.04 6.87
CA VAL A 24 10.17 13.96 7.56
C VAL A 24 10.74 12.94 6.57
N HIS A 25 10.03 12.64 5.49
CA HIS A 25 10.56 11.70 4.51
C HIS A 25 11.84 12.25 3.87
N ASN A 26 11.86 13.55 3.57
CA ASN A 26 13.07 14.18 3.08
C ASN A 26 14.21 14.07 4.08
N VAL A 27 13.94 14.44 5.34
CA VAL A 27 14.97 14.39 6.37
C VAL A 27 15.53 12.97 6.50
N TRP A 28 14.64 11.97 6.52
CA TRP A 28 15.11 10.60 6.67
C TRP A 28 15.94 10.14 5.48
N ALA A 29 15.49 10.46 4.26
CA ALA A 29 16.25 10.07 3.08
C ALA A 29 17.58 10.81 2.99
N THR A 30 17.65 12.02 3.58
CA THR A 30 18.88 12.80 3.51
C THR A 30 20.01 12.11 4.24
N HIS A 31 19.75 11.50 5.39
CA HIS A 31 20.81 10.86 6.16
C HIS A 31 20.86 9.36 5.98
N ALA A 32 19.83 8.73 5.41
CA ALA A 32 19.76 7.28 5.31
C ALA A 32 19.91 6.74 3.89
N CYS A 33 19.85 7.59 2.87
CA CYS A 33 19.90 7.16 1.48
C CYS A 33 20.95 7.97 0.72
N VAL A 34 21.30 7.48 -0.46
CA VAL A 34 22.23 8.16 -1.36
C VAL A 34 21.42 8.91 -2.41
N PRO A 35 22.04 9.78 -3.21
CA PRO A 35 21.31 10.41 -4.31
C PRO A 35 20.90 9.39 -5.37
N THR A 36 19.80 9.69 -6.05
CA THR A 36 19.27 8.80 -7.06
C THR A 36 20.28 8.63 -8.21
N ASP A 37 20.26 7.45 -8.82
CA ASP A 37 21.18 7.16 -9.93
C ASP A 37 20.99 8.18 -11.04
N PRO A 38 21.99 9.03 -11.29
CA PRO A 38 21.83 10.04 -12.35
C PRO A 38 21.65 9.45 -13.73
N ASN A 39 22.21 8.28 -14.01
CA ASN A 39 22.13 7.65 -15.32
C ASN A 39 21.80 6.17 -15.15
N PRO A 40 20.54 5.84 -14.90
CA PRO A 40 20.16 4.43 -14.81
C PRO A 40 19.92 3.83 -16.19
N GLN A 41 20.28 2.55 -16.31
CA GLN A 41 20.07 1.84 -17.59
C GLN A 41 19.94 0.35 -17.32
N GLU A 42 18.77 -0.21 -17.60
CA GLU A 42 18.54 -1.64 -17.46
C GLU A 42 19.16 -2.41 -18.63
N ILE A 43 19.53 -3.65 -18.35
CA ILE A 43 20.07 -4.56 -19.37
C ILE A 43 19.02 -5.64 -19.61
N HIS A 44 18.59 -5.79 -20.86
CA HIS A 44 17.65 -6.83 -21.20
C HIS A 44 18.36 -8.18 -21.33
N LEU A 45 17.71 -9.22 -20.81
CA LEU A 45 18.23 -10.59 -20.84
C LEU A 45 17.45 -11.38 -21.88
N GLU A 46 18.00 -11.50 -23.08
CA GLU A 46 17.27 -12.06 -24.20
C GLU A 46 16.98 -13.54 -23.97
N ASN A 47 15.73 -13.95 -24.23
CA ASN A 47 15.29 -15.34 -24.13
C ASN A 47 15.44 -15.92 -22.73
N VAL A 48 15.45 -15.07 -21.70
CA VAL A 48 15.62 -15.52 -20.33
C VAL A 48 14.25 -15.56 -19.65
N THR A 49 13.88 -16.72 -19.10
CA THR A 49 12.71 -16.85 -18.26
C THR A 49 13.16 -17.09 -16.83
N GLU A 50 12.55 -16.37 -15.89
CA GLU A 50 12.91 -16.46 -14.49
C GLU A 50 11.64 -16.57 -13.65
N ASN A 51 11.77 -17.20 -12.49
CA ASN A 51 10.66 -17.37 -11.56
C ASN A 51 10.72 -16.32 -10.47
N PHE A 52 9.58 -15.69 -10.21
CA PHE A 52 9.42 -14.67 -9.18
C PHE A 52 8.42 -15.14 -8.13
N ASN A 53 8.54 -14.59 -6.93
CA ASN A 53 7.55 -14.85 -5.88
C ASN A 53 7.42 -13.60 -5.01
N MET A 54 6.44 -12.76 -5.33
CA MET A 54 6.23 -11.52 -4.59
C MET A 54 5.82 -11.76 -3.15
N TRP A 55 5.33 -12.96 -2.82
CA TRP A 55 4.94 -13.34 -1.47
C TRP A 55 6.09 -13.91 -0.67
N LYS A 56 7.27 -14.09 -1.29
CA LYS A 56 8.49 -14.60 -0.63
C LYS A 56 9.64 -13.78 -1.18
N ASN A 57 9.74 -12.52 -0.74
CA ASN A 57 10.69 -11.58 -1.29
C ASN A 57 11.34 -10.79 -0.15
N ASN A 58 12.63 -11.01 0.06
CA ASN A 58 13.33 -10.34 1.15
C ASN A 58 13.36 -8.81 0.99
N MET A 59 13.24 -8.30 -0.24
CA MET A 59 13.11 -6.85 -0.40
C MET A 59 11.95 -6.30 0.42
N VAL A 60 10.80 -6.98 0.41
CA VAL A 60 9.65 -6.54 1.19
C VAL A 60 10.03 -6.37 2.66
N GLU A 61 10.69 -7.39 3.23
CA GLU A 61 11.09 -7.32 4.62
C GLU A 61 12.02 -6.14 4.87
N GLN A 62 12.93 -5.86 3.93
CA GLN A 62 13.88 -4.78 4.12
C GLN A 62 13.21 -3.41 4.02
N MET A 63 12.27 -3.25 3.08
CA MET A 63 11.53 -2.00 3.00
C MET A 63 10.70 -1.78 4.25
N HIS A 64 10.05 -2.83 4.75
CA HIS A 64 9.32 -2.74 6.00
C HIS A 64 10.20 -2.20 7.12
N GLU A 65 11.40 -2.76 7.26
CA GLU A 65 12.39 -2.28 8.23
C GLU A 65 12.64 -0.79 8.10
N ASP A 66 12.75 -0.29 6.86
CA ASP A 66 13.06 1.11 6.64
C ASP A 66 11.91 2.01 7.07
N ILE A 67 10.68 1.68 6.64
CA ILE A 67 9.54 2.54 6.96
C ILE A 67 9.29 2.55 8.46
N ILE A 68 9.49 1.41 9.12
CA ILE A 68 9.41 1.38 10.57
C ILE A 68 10.42 2.34 11.18
N SER A 69 11.67 2.27 10.71
CA SER A 69 12.69 3.20 11.17
C SER A 69 12.32 4.64 10.83
N LEU A 70 11.81 4.87 9.60
CA LEU A 70 11.40 6.21 9.22
C LEU A 70 10.32 6.75 10.13
N TRP A 71 9.23 5.99 10.31
CA TRP A 71 8.13 6.46 11.15
C TRP A 71 8.59 6.65 12.59
N ASP A 72 9.47 5.78 13.07
CA ASP A 72 9.95 5.89 14.44
C ASP A 72 10.86 7.10 14.64
N GLN A 73 11.51 7.57 13.58
CA GLN A 73 12.35 8.77 13.66
C GLN A 73 11.57 10.06 13.42
N SER A 74 10.33 9.98 12.96
CA SER A 74 9.65 11.16 12.45
C SER A 74 8.31 11.39 13.13
N LEU A 75 7.50 10.33 13.20
CA LEU A 75 6.17 10.41 13.81
C LEU A 75 6.28 9.94 15.26
N GLN A 76 6.78 10.86 16.09
CA GLN A 76 6.95 10.55 17.51
C GLN A 76 5.65 10.78 18.26
N PRO A 77 4.95 9.74 18.71
CA PRO A 77 3.72 9.94 19.47
C PRO A 77 3.99 10.57 20.83
N CYS A 78 3.02 11.37 21.27
CA CYS A 78 3.09 11.93 22.61
C CYS A 78 3.24 10.83 23.65
N VAL A 79 2.40 9.82 23.58
CA VAL A 79 2.44 8.68 24.50
C VAL A 79 2.41 7.41 23.67
N LYS A 80 3.28 6.46 24.02
CA LYS A 80 3.28 5.15 23.38
C LYS A 80 3.03 4.11 24.46
N LEU A 81 1.78 3.67 24.57
CA LEU A 81 1.38 2.62 25.51
C LEU A 81 1.74 1.28 24.89
N THR A 82 3.02 0.92 25.00
CA THR A 82 3.56 -0.30 24.38
C THR A 82 3.58 -1.48 25.35
N GLY A 83 2.59 -1.57 26.22
CA GLY A 83 2.48 -2.69 27.14
C GLY A 83 3.30 -2.51 28.40
N GLY A 84 2.64 -2.40 29.54
CA GLY A 84 3.33 -2.23 30.81
C GLY A 84 3.51 -0.74 31.17
N SER A 85 4.76 -0.27 31.11
CA SER A 85 5.05 1.13 31.37
C SER A 85 4.84 1.96 30.10
N VAL A 86 4.64 3.25 30.28
CA VAL A 86 4.30 4.16 29.20
C VAL A 86 5.32 5.28 29.15
N ILE A 87 5.63 5.73 27.93
CA ILE A 87 6.62 6.78 27.69
C ILE A 87 5.94 7.94 26.98
N LYS A 88 6.10 9.15 27.54
CA LYS A 88 5.47 10.37 27.03
C LYS A 88 6.55 11.30 26.49
N GLN A 89 7.01 11.03 25.27
CA GLN A 89 8.12 11.77 24.68
C GLN A 89 7.58 13.02 23.97
N ALA A 90 8.40 13.61 23.10
CA ALA A 90 8.02 14.83 22.39
C ALA A 90 7.23 14.49 21.14
N CYS A 91 6.21 15.29 20.87
CA CYS A 91 5.36 15.08 19.72
C CYS A 91 4.95 16.41 19.11
N PRO A 92 5.87 17.21 18.60
CA PRO A 92 5.48 18.40 17.84
C PRO A 92 4.84 18.00 16.51
N LYS A 93 3.97 18.86 16.01
CA LYS A 93 3.42 18.66 14.67
C LYS A 93 4.55 18.74 13.66
N ILE A 94 4.51 17.87 12.65
CA ILE A 94 5.57 17.72 11.68
C ILE A 94 4.99 17.90 10.28
N SER A 95 5.88 17.95 9.30
CA SER A 95 5.53 18.00 7.88
C SER A 95 5.68 16.60 7.30
N PHE A 96 4.59 16.03 6.78
CA PHE A 96 4.55 14.63 6.37
C PHE A 96 4.01 14.53 4.95
N ASP A 97 4.84 14.06 4.02
CA ASP A 97 4.44 13.81 2.65
C ASP A 97 5.41 12.83 2.01
N PRO A 98 5.02 11.57 1.84
CA PRO A 98 5.96 10.54 1.34
C PRO A 98 6.58 10.90 0.00
N ILE A 99 7.82 10.47 -0.17
CA ILE A 99 8.60 10.71 -1.39
C ILE A 99 9.05 9.34 -1.92
N PRO A 100 9.41 9.28 -3.20
CA PRO A 100 9.86 8.00 -3.76
C PRO A 100 11.23 7.58 -3.22
N ILE A 101 11.34 6.30 -2.86
CA ILE A 101 12.58 5.69 -2.40
C ILE A 101 12.95 4.58 -3.38
N HIS A 102 14.20 4.57 -3.82
CA HIS A 102 14.73 3.49 -4.65
C HIS A 102 15.50 2.51 -3.77
N TYR A 103 15.34 1.23 -4.05
CA TYR A 103 16.12 0.19 -3.38
C TYR A 103 17.15 -0.35 -4.37
N CYS A 104 18.41 -0.41 -3.93
CA CYS A 104 19.54 -0.68 -4.80
C CYS A 104 20.40 -1.79 -4.20
N THR A 105 21.03 -2.58 -5.10
CA THR A 105 21.89 -3.69 -4.69
C THR A 105 23.34 -3.24 -4.59
N PRO A 106 24.11 -3.87 -3.70
CA PRO A 106 25.56 -3.60 -3.63
C PRO A 106 26.31 -4.38 -4.70
N ALA A 107 27.63 -4.12 -4.78
CA ALA A 107 28.47 -4.83 -5.75
C ALA A 107 28.33 -6.34 -5.60
N GLY A 108 28.32 -7.04 -6.75
CA GLY A 108 28.18 -8.48 -6.77
C GLY A 108 26.76 -8.98 -6.89
N TYR A 109 25.78 -8.08 -6.94
CA TYR A 109 24.37 -8.43 -7.00
C TYR A 109 23.67 -7.56 -8.03
N VAL A 110 22.52 -8.03 -8.51
CA VAL A 110 21.68 -7.24 -9.40
C VAL A 110 20.22 -7.53 -9.06
N ILE A 111 19.35 -6.63 -9.51
CA ILE A 111 17.91 -6.76 -9.35
C ILE A 111 17.34 -7.23 -10.68
N LEU A 112 16.67 -8.38 -10.67
CA LEU A 112 15.95 -8.84 -11.85
C LEU A 112 14.56 -8.20 -11.86
N LYS A 113 14.11 -7.80 -13.06
CA LYS A 113 12.89 -7.04 -13.21
C LYS A 113 11.96 -7.75 -14.19
N CYS A 114 10.74 -8.05 -13.73
CA CYS A 114 9.73 -8.69 -14.55
C CYS A 114 9.01 -7.63 -15.36
N ASN A 115 9.21 -7.64 -16.68
CA ASN A 115 8.54 -6.70 -17.57
C ASN A 115 7.34 -7.31 -18.27
N ASP A 116 6.85 -8.45 -17.79
CA ASP A 116 5.61 -9.02 -18.31
C ASP A 116 4.42 -8.16 -17.86
N LYS A 117 3.63 -7.69 -18.81
CA LYS A 117 2.54 -6.77 -18.51
C LYS A 117 1.35 -7.46 -17.84
N ASN A 118 1.26 -8.78 -17.93
CA ASN A 118 0.21 -9.52 -17.22
C ASN A 118 0.75 -10.24 -15.99
N PHE A 119 1.98 -9.95 -15.57
CA PHE A 119 2.58 -10.66 -14.45
C PHE A 119 1.72 -10.52 -13.20
N ASN A 120 1.34 -11.64 -12.60
CA ASN A 120 0.51 -11.59 -11.40
C ASN A 120 1.32 -11.62 -10.11
N GLY A 121 2.65 -11.68 -10.18
CA GLY A 121 3.50 -11.66 -9.02
C GLY A 121 4.13 -12.98 -8.64
N THR A 122 3.61 -14.10 -9.14
CA THR A 122 4.18 -15.41 -8.82
C THR A 122 4.27 -16.26 -10.08
N GLY A 123 5.30 -17.08 -10.15
CA GLY A 123 5.51 -17.95 -11.28
C GLY A 123 6.51 -17.39 -12.27
N PRO A 124 6.56 -17.96 -13.47
CA PRO A 124 7.58 -17.54 -14.43
C PRO A 124 7.28 -16.20 -15.08
N CYS A 125 8.36 -15.52 -15.45
CA CYS A 125 8.36 -14.23 -16.10
C CYS A 125 9.15 -14.36 -17.41
N LYS A 126 8.54 -13.96 -18.53
CA LYS A 126 9.13 -14.19 -19.85
C LYS A 126 9.97 -13.03 -20.36
N ASN A 127 9.75 -11.81 -19.85
CA ASN A 127 10.45 -10.61 -20.30
C ASN A 127 11.22 -10.06 -19.11
N VAL A 128 12.45 -10.54 -18.92
CA VAL A 128 13.26 -10.22 -17.75
C VAL A 128 14.32 -9.20 -18.14
N SER A 129 14.48 -8.19 -17.30
CA SER A 129 15.55 -7.21 -17.41
C SER A 129 16.26 -7.12 -16.07
N SER A 130 17.51 -6.69 -16.10
CA SER A 130 18.30 -6.49 -14.91
C SER A 130 18.55 -5.00 -14.72
N VAL A 131 18.40 -4.53 -13.48
CA VAL A 131 18.61 -3.13 -13.13
C VAL A 131 19.47 -3.06 -11.87
N GLN A 132 19.94 -1.85 -11.57
CA GLN A 132 20.70 -1.59 -10.35
C GLN A 132 19.85 -1.07 -9.21
N CYS A 133 18.77 -0.37 -9.51
CA CYS A 133 17.85 0.14 -8.51
C CYS A 133 16.43 -0.09 -8.99
N THR A 134 15.52 -0.31 -8.04
CA THR A 134 14.11 -0.28 -8.37
C THR A 134 13.71 1.14 -8.75
N HIS A 135 12.49 1.29 -9.26
CA HIS A 135 11.94 2.62 -9.48
C HIS A 135 11.63 3.28 -8.13
N GLY A 136 11.23 4.54 -8.19
CA GLY A 136 10.83 5.26 -6.99
C GLY A 136 9.51 4.78 -6.44
N ILE A 137 9.54 4.20 -5.24
CA ILE A 137 8.37 3.67 -4.57
C ILE A 137 8.03 4.57 -3.39
N LYS A 138 6.79 5.07 -3.35
CA LYS A 138 6.31 5.88 -2.24
C LYS A 138 5.84 4.98 -1.12
N PRO A 139 6.35 5.13 0.10
CA PRO A 139 5.92 4.27 1.23
C PRO A 139 4.63 4.77 1.90
N VAL A 140 3.51 4.53 1.24
CA VAL A 140 2.20 5.02 1.71
C VAL A 140 1.59 3.98 2.63
N VAL A 141 1.39 4.36 3.89
CA VAL A 141 0.79 3.47 4.89
C VAL A 141 -0.72 3.65 4.84
N SER A 142 -1.44 2.55 4.65
CA SER A 142 -2.90 2.59 4.62
C SER A 142 -3.46 1.20 4.85
N THR A 143 -4.78 1.15 5.03
CA THR A 143 -5.55 -0.09 5.05
C THR A 143 -6.69 0.00 4.03
N GLN A 144 -7.16 -1.17 3.61
CA GLN A 144 -8.24 -1.33 2.64
C GLN A 144 -7.87 -0.86 1.23
N LEU A 145 -7.51 0.41 1.07
CA LEU A 145 -7.19 0.97 -0.24
C LEU A 145 -5.70 1.29 -0.32
N LEU A 146 -5.08 0.83 -1.41
CA LEU A 146 -3.69 1.19 -1.70
C LEU A 146 -3.68 2.53 -2.41
N LEU A 147 -2.85 3.44 -1.93
CA LEU A 147 -2.91 4.83 -2.35
C LEU A 147 -1.60 5.27 -3.00
N ASN A 148 -1.72 6.04 -4.07
CA ASN A 148 -0.59 6.73 -4.65
C ASN A 148 0.48 5.78 -5.19
N GLY A 149 0.05 4.60 -5.65
CA GLY A 149 0.96 3.61 -6.21
C GLY A 149 0.98 3.64 -7.72
N SER A 150 1.57 2.59 -8.29
CA SER A 150 1.56 2.38 -9.73
C SER A 150 0.29 1.62 -10.12
N LEU A 151 0.04 1.56 -11.41
CA LEU A 151 -1.15 0.90 -11.93
C LEU A 151 -0.77 -0.28 -12.81
N ALA A 152 -1.66 -1.27 -12.85
CA ALA A 152 -1.49 -2.36 -13.81
C ALA A 152 -1.46 -1.79 -15.23
N GLU A 153 -0.54 -2.28 -16.05
CA GLU A 153 -0.34 -1.71 -17.38
C GLU A 153 -1.36 -2.21 -18.41
N GLU A 154 -2.03 -3.34 -18.15
CA GLU A 154 -3.02 -3.83 -19.09
C GLU A 154 -4.37 -4.05 -18.41
N GLU A 155 -4.61 -5.26 -17.93
CA GLU A 155 -5.86 -5.58 -17.25
C GLU A 155 -5.69 -5.44 -15.74
N ILE A 156 -6.83 -5.47 -15.03
CA ILE A 156 -6.78 -5.56 -13.58
C ILE A 156 -6.17 -6.89 -13.20
N ILE A 157 -5.13 -6.86 -12.37
CA ILE A 157 -4.42 -8.05 -11.97
C ILE A 157 -4.87 -8.47 -10.58
N ILE A 158 -5.09 -9.77 -10.39
CA ILE A 158 -5.40 -10.35 -9.09
C ILE A 158 -4.12 -10.98 -8.55
N ARG A 159 -3.71 -10.57 -7.34
CA ARG A 159 -2.48 -11.05 -6.74
C ARG A 159 -2.78 -11.76 -5.43
N SER A 160 -2.25 -12.98 -5.27
CA SER A 160 -2.44 -13.77 -4.06
C SER A 160 -1.43 -14.90 -4.05
N GLU A 161 -0.90 -15.20 -2.85
CA GLU A 161 0.02 -16.33 -2.71
C GLU A 161 -0.66 -17.64 -3.07
N ASN A 162 -1.97 -17.72 -2.92
CA ASN A 162 -2.73 -18.93 -3.18
C ASN A 162 -4.22 -18.59 -3.13
N LEU A 163 -4.79 -18.32 -4.30
CA LEU A 163 -6.19 -17.87 -4.37
C LEU A 163 -7.14 -18.87 -3.72
N THR A 164 -6.77 -20.16 -3.74
CA THR A 164 -7.64 -21.20 -3.21
C THR A 164 -7.72 -21.19 -1.69
N ASN A 165 -6.72 -20.62 -1.02
CA ASN A 165 -6.69 -20.51 0.43
C ASN A 165 -7.25 -19.14 0.83
N ASN A 166 -8.38 -19.14 1.54
CA ASN A 166 -9.05 -17.90 1.90
C ASN A 166 -8.34 -17.11 2.99
N ALA A 167 -7.31 -17.69 3.62
CA ALA A 167 -6.52 -16.96 4.61
C ALA A 167 -5.45 -16.09 3.98
N LYS A 168 -5.26 -16.17 2.67
CA LYS A 168 -4.23 -15.42 1.96
C LYS A 168 -4.83 -14.13 1.40
N THR A 169 -4.22 -12.99 1.74
CA THR A 169 -4.71 -11.71 1.29
C THR A 169 -4.64 -11.61 -0.23
N ILE A 170 -5.64 -10.96 -0.81
CA ILE A 170 -5.64 -10.69 -2.24
C ILE A 170 -5.31 -9.22 -2.45
N ILE A 171 -4.42 -8.95 -3.39
CA ILE A 171 -4.13 -7.58 -3.81
C ILE A 171 -4.76 -7.40 -5.18
N VAL A 172 -5.70 -6.48 -5.29
CA VAL A 172 -6.26 -6.07 -6.57
C VAL A 172 -5.43 -4.91 -7.09
N HIS A 173 -4.84 -5.08 -8.28
CA HIS A 173 -4.05 -4.03 -8.91
C HIS A 173 -4.88 -3.41 -10.01
N LEU A 174 -5.33 -2.17 -9.79
CA LEU A 174 -6.16 -1.50 -10.79
C LEU A 174 -5.31 -1.05 -11.98
N ASN A 175 -5.96 -0.92 -13.13
CA ASN A 175 -5.35 -0.32 -14.30
C ASN A 175 -5.83 1.10 -14.55
N LYS A 176 -6.77 1.60 -13.76
CA LYS A 176 -7.26 2.97 -13.84
C LYS A 176 -7.43 3.49 -12.42
N SER A 177 -6.82 4.63 -12.12
CA SER A 177 -6.88 5.14 -10.75
C SER A 177 -8.21 5.81 -10.47
N VAL A 178 -8.60 5.80 -9.20
CA VAL A 178 -9.82 6.45 -8.75
C VAL A 178 -9.44 7.48 -7.69
N GLU A 179 -9.75 8.75 -7.96
CA GLU A 179 -9.39 9.82 -7.06
C GLU A 179 -10.22 9.75 -5.78
N ILE A 180 -9.56 9.99 -4.65
CA ILE A 180 -10.24 10.10 -3.35
C ILE A 180 -9.74 11.38 -2.69
N ASN A 181 -10.66 12.31 -2.44
CA ASN A 181 -10.33 13.66 -2.00
C ASN A 181 -10.88 13.86 -0.60
N CYS A 182 -9.98 13.98 0.39
CA CYS A 182 -10.34 13.96 1.80
C CYS A 182 -10.03 15.32 2.44
N THR A 183 -10.97 15.84 3.22
CA THR A 183 -10.83 17.16 3.80
C THR A 183 -11.31 17.19 5.24
N ARG A 184 -10.56 17.89 6.07
CA ARG A 184 -11.00 18.33 7.39
C ARG A 184 -11.13 19.85 7.33
N PRO A 185 -12.32 20.40 7.08
CA PRO A 185 -12.44 21.85 6.90
C PRO A 185 -12.01 22.61 8.16
N SER A 186 -11.64 23.87 7.93
CA SER A 186 -11.02 24.69 8.97
C SER A 186 -12.02 25.13 10.04
N ASN A 187 -11.47 25.58 11.17
CA ASN A 187 -12.23 26.13 12.28
C ASN A 187 -13.37 25.20 12.70
N ASP A 195 -16.88 19.93 15.32
CA ASP A 195 -15.92 18.87 15.62
C ASP A 195 -14.66 19.04 14.77
N ILE A 196 -13.53 19.30 15.44
CA ILE A 196 -12.26 19.41 14.72
C ILE A 196 -11.79 18.07 14.17
N ARG A 197 -12.35 16.96 14.68
CA ARG A 197 -11.93 15.63 14.26
C ARG A 197 -12.77 15.07 13.12
N LYS A 198 -13.86 15.74 12.74
CA LYS A 198 -14.71 15.24 11.66
C LYS A 198 -14.16 15.66 10.31
N ALA A 199 -14.17 14.72 9.35
CA ALA A 199 -13.71 14.97 8.00
C ALA A 199 -14.61 14.20 7.05
N TYR A 200 -14.29 14.25 5.76
CA TYR A 200 -15.09 13.54 4.76
C TYR A 200 -14.21 13.34 3.53
N CYS A 201 -14.36 12.19 2.88
CA CYS A 201 -13.65 11.88 1.65
C CYS A 201 -14.64 11.86 0.50
N GLU A 202 -14.33 12.56 -0.57
CA GLU A 202 -15.17 12.63 -1.75
C GLU A 202 -14.63 11.68 -2.82
N ILE A 203 -15.49 10.84 -3.35
CA ILE A 203 -15.14 9.94 -4.44
C ILE A 203 -16.23 10.03 -5.50
N ASN A 204 -15.82 10.05 -6.76
CA ASN A 204 -16.77 10.02 -7.85
C ASN A 204 -17.40 8.64 -7.95
N GLY A 205 -18.71 8.57 -7.70
CA GLY A 205 -19.38 7.27 -7.66
C GLY A 205 -19.41 6.57 -9.01
N THR A 206 -19.65 7.33 -10.08
CA THR A 206 -19.62 6.75 -11.42
C THR A 206 -18.32 5.99 -11.66
N LYS A 207 -17.19 6.65 -11.39
CA LYS A 207 -15.89 6.02 -11.56
C LYS A 207 -15.74 4.80 -10.66
N TRP A 208 -15.96 4.98 -9.35
CA TRP A 208 -15.75 3.89 -8.42
C TRP A 208 -16.57 2.66 -8.79
N ASN A 209 -17.84 2.87 -9.15
CA ASN A 209 -18.69 1.74 -9.46
C ASN A 209 -18.31 1.09 -10.78
N LYS A 210 -17.73 1.85 -11.72
CA LYS A 210 -17.26 1.23 -12.94
C LYS A 210 -16.04 0.36 -12.69
N VAL A 211 -15.11 0.82 -11.85
CA VAL A 211 -13.95 0.01 -11.51
C VAL A 211 -14.36 -1.18 -10.66
N LEU A 212 -15.24 -0.96 -9.69
CA LEU A 212 -15.65 -2.05 -8.82
C LEU A 212 -16.37 -3.16 -9.59
N LYS A 213 -17.19 -2.78 -10.58
CA LYS A 213 -17.79 -3.78 -11.46
C LYS A 213 -16.71 -4.57 -12.19
N GLN A 214 -15.70 -3.87 -12.71
CA GLN A 214 -14.63 -4.55 -13.42
C GLN A 214 -13.83 -5.47 -12.48
N VAL A 215 -13.73 -5.12 -11.20
CA VAL A 215 -13.06 -6.00 -10.25
C VAL A 215 -13.86 -7.28 -10.06
N THR A 216 -15.19 -7.17 -10.05
CA THR A 216 -16.03 -8.38 -9.92
C THR A 216 -15.93 -9.24 -11.16
N GLU A 217 -15.93 -8.63 -12.35
CA GLU A 217 -15.73 -9.37 -13.59
C GLU A 217 -14.44 -10.19 -13.53
N LYS A 218 -13.35 -9.57 -13.07
CA LYS A 218 -12.06 -10.26 -13.00
C LYS A 218 -12.09 -11.37 -11.97
N LEU A 219 -12.59 -11.08 -10.76
CA LEU A 219 -12.68 -12.11 -9.74
C LEU A 219 -13.55 -13.28 -10.18
N LYS A 220 -14.58 -13.01 -10.98
CA LYS A 220 -15.36 -14.10 -11.56
C LYS A 220 -14.48 -15.06 -12.35
N GLU A 221 -13.46 -14.53 -13.02
CA GLU A 221 -12.58 -15.35 -13.84
C GLU A 221 -11.79 -16.34 -13.00
N HIS A 222 -11.50 -16.00 -11.74
CA HIS A 222 -10.72 -16.87 -10.87
C HIS A 222 -11.59 -17.77 -9.98
N PHE A 223 -12.89 -17.54 -9.93
CA PHE A 223 -13.79 -18.31 -9.07
C PHE A 223 -14.94 -18.87 -9.90
N ASN A 224 -14.57 -19.64 -10.92
CA ASN A 224 -15.44 -20.22 -11.95
C ASN A 224 -16.79 -19.52 -12.05
N ASN A 225 -16.76 -18.24 -12.41
CA ASN A 225 -17.96 -17.47 -12.72
C ASN A 225 -18.98 -17.51 -11.58
N LYS A 226 -18.52 -17.59 -10.33
CA LYS A 226 -19.43 -17.58 -9.20
C LYS A 226 -19.99 -16.18 -8.98
N THR A 227 -20.96 -16.07 -8.06
CA THR A 227 -21.52 -14.77 -7.71
C THR A 227 -20.56 -14.06 -6.76
N ILE A 228 -20.09 -12.89 -7.18
CA ILE A 228 -19.10 -12.12 -6.43
C ILE A 228 -19.84 -11.09 -5.58
N ILE A 229 -19.65 -11.15 -4.26
CA ILE A 229 -20.31 -10.23 -3.34
C ILE A 229 -19.24 -9.50 -2.53
N PHE A 230 -19.44 -8.19 -2.38
CA PHE A 230 -18.60 -7.36 -1.52
C PHE A 230 -19.36 -7.04 -0.24
N GLN A 231 -18.66 -7.08 0.89
CA GLN A 231 -19.25 -6.78 2.18
C GLN A 231 -18.22 -6.05 3.05
N PRO A 232 -18.67 -5.19 3.95
CA PRO A 232 -17.74 -4.50 4.85
C PRO A 232 -17.05 -5.50 5.76
N PRO A 233 -15.92 -5.12 6.36
CA PRO A 233 -15.21 -6.04 7.26
C PRO A 233 -16.14 -6.59 8.34
N SER A 234 -15.94 -7.87 8.67
CA SER A 234 -16.75 -8.53 9.68
C SER A 234 -16.00 -8.53 11.03
N GLY A 235 -15.87 -7.33 11.60
CA GLY A 235 -15.29 -7.18 12.92
C GLY A 235 -13.82 -6.81 12.88
N GLY A 236 -13.33 -6.36 14.02
CA GLY A 236 -11.95 -5.93 14.17
C GLY A 236 -11.85 -4.52 14.73
N ASP A 237 -10.62 -4.06 14.85
CA ASP A 237 -10.37 -2.71 15.32
C ASP A 237 -10.57 -1.70 14.20
N LEU A 238 -10.69 -0.42 14.58
CA LEU A 238 -11.04 0.62 13.62
C LEU A 238 -10.04 0.69 12.47
N GLU A 239 -8.78 0.31 12.71
CA GLU A 239 -7.77 0.42 11.66
C GLU A 239 -8.10 -0.42 10.44
N ILE A 240 -8.80 -1.54 10.61
CA ILE A 240 -9.08 -2.42 9.49
C ILE A 240 -10.55 -2.47 9.12
N THR A 241 -11.46 -2.12 10.03
CA THR A 241 -12.85 -1.91 9.61
C THR A 241 -13.06 -0.57 8.91
N MET A 242 -12.09 0.33 9.00
CA MET A 242 -12.11 1.60 8.28
C MET A 242 -10.93 1.67 7.32
N HIS A 243 -11.05 2.59 6.36
CA HIS A 243 -9.91 2.93 5.50
C HIS A 243 -9.04 3.93 6.24
N SER A 244 -7.88 3.47 6.70
CA SER A 244 -6.99 4.30 7.50
C SER A 244 -5.80 4.76 6.66
N PHE A 245 -5.36 5.99 6.90
CA PHE A 245 -4.20 6.55 6.21
C PHE A 245 -3.75 7.77 6.99
N ASN A 246 -2.60 8.30 6.61
CA ASN A 246 -2.06 9.50 7.27
C ASN A 246 -1.99 10.64 6.26
N CYS A 247 -2.61 11.75 6.60
CA CYS A 247 -2.68 12.94 5.74
C CYS A 247 -2.11 14.13 6.49
N ARG A 248 -1.02 14.70 5.99
CA ARG A 248 -0.34 15.83 6.63
C ARG A 248 0.03 15.50 8.08
N GLY A 249 0.35 14.23 8.35
CA GLY A 249 0.69 13.81 9.69
C GLY A 249 -0.48 13.50 10.60
N GLU A 250 -1.71 13.66 10.13
CA GLU A 250 -2.89 13.31 10.92
C GLU A 250 -3.45 11.98 10.43
N PHE A 251 -3.94 11.17 11.38
CA PHE A 251 -4.44 9.84 11.08
C PHE A 251 -5.93 9.89 10.76
N PHE A 252 -6.28 9.66 9.49
CA PHE A 252 -7.67 9.62 9.06
C PHE A 252 -8.21 8.19 9.13
N TYR A 253 -9.44 8.07 9.64
CA TYR A 253 -10.19 6.82 9.63
C TYR A 253 -11.49 7.08 8.88
N CYS A 254 -11.69 6.38 7.77
CA CYS A 254 -12.79 6.65 6.86
C CYS A 254 -13.67 5.42 6.68
N ASN A 255 -14.97 5.62 6.81
CA ASN A 255 -15.94 4.54 6.67
C ASN A 255 -16.17 4.26 5.19
N THR A 256 -15.86 3.04 4.76
CA THR A 256 -15.95 2.66 3.36
C THR A 256 -17.18 1.80 3.07
N THR A 257 -18.17 1.81 3.96
CA THR A 257 -19.38 1.02 3.71
C THR A 257 -20.01 1.38 2.38
N GLN A 258 -20.01 2.67 2.02
CA GLN A 258 -20.61 3.11 0.76
C GLN A 258 -19.81 2.67 -0.45
N LEU A 259 -18.56 2.29 -0.26
CA LEU A 259 -17.76 1.77 -1.37
C LEU A 259 -17.99 0.28 -1.58
N PHE A 260 -18.09 -0.48 -0.51
CA PHE A 260 -18.21 -1.93 -0.59
C PHE A 260 -19.63 -2.40 -0.31
N ASN A 261 -20.57 -1.66 -0.90
CA ASN A 261 -21.95 -2.09 -1.07
C ASN A 261 -22.12 -2.55 -2.51
N ASN A 262 -22.88 -3.62 -2.70
CA ASN A 262 -23.16 -4.13 -4.05
C ASN A 262 -24.39 -3.46 -4.66
N THR A 263 -24.89 -2.40 -4.03
CA THR A 263 -26.09 -1.72 -4.53
C THR A 263 -25.97 -1.40 -6.01
N CYS A 264 -24.95 -0.64 -6.38
CA CYS A 264 -24.75 -0.23 -7.77
C CYS A 264 -23.75 -1.15 -8.47
N LYS A 271 -30.80 1.43 -8.63
CA LYS A 271 -29.78 2.43 -8.92
C LYS A 271 -30.21 3.81 -8.43
N GLY A 272 -29.99 4.84 -9.25
CA GLY A 272 -30.10 6.18 -8.74
C GLY A 272 -28.92 6.57 -7.87
N CYS A 273 -27.80 5.86 -8.02
CA CYS A 273 -26.59 6.01 -7.22
C CYS A 273 -25.41 6.11 -8.18
N ASN A 274 -24.96 7.34 -8.44
CA ASN A 274 -23.87 7.54 -9.40
C ASN A 274 -23.23 8.91 -9.25
N GLY A 275 -23.60 9.63 -8.20
CA GLY A 275 -23.03 10.94 -7.91
C GLY A 275 -21.80 10.85 -7.05
N THR A 276 -21.43 12.00 -6.47
CA THR A 276 -20.28 12.06 -5.58
C THR A 276 -20.56 11.26 -4.31
N ILE A 277 -19.70 10.28 -4.01
CA ILE A 277 -19.82 9.52 -2.77
C ILE A 277 -19.06 10.25 -1.67
N THR A 278 -19.74 10.52 -0.56
CA THR A 278 -19.14 11.22 0.57
C THR A 278 -18.97 10.25 1.73
N LEU A 279 -17.73 9.86 1.99
CA LEU A 279 -17.42 8.96 3.10
C LEU A 279 -17.22 9.78 4.37
N PRO A 280 -17.85 9.40 5.49
CA PRO A 280 -17.59 10.10 6.76
C PRO A 280 -16.29 9.61 7.37
N CYS A 281 -15.47 10.56 7.84
CA CYS A 281 -14.16 10.25 8.39
C CYS A 281 -13.95 10.92 9.73
N LYS A 282 -13.00 10.40 10.48
CA LYS A 282 -12.57 10.99 11.75
C LYS A 282 -11.06 11.01 11.80
N ILE A 283 -10.51 12.08 12.35
CA ILE A 283 -9.09 12.13 12.69
C ILE A 283 -8.96 11.56 14.09
N LYS A 284 -8.15 10.50 14.22
CA LYS A 284 -7.98 9.82 15.50
C LYS A 284 -6.67 10.24 16.15
N GLN A 285 -6.70 10.38 17.48
CA GLN A 285 -5.51 10.64 18.28
C GLN A 285 -4.88 9.36 18.83
N ILE A 286 -5.70 8.37 19.19
CA ILE A 286 -5.21 7.10 19.71
C ILE A 286 -5.23 6.09 18.58
N ILE A 287 -4.06 5.52 18.29
CA ILE A 287 -3.84 4.68 17.12
C ILE A 287 -3.33 3.33 17.58
N ASN A 288 -3.81 2.26 16.95
CA ASN A 288 -3.19 0.94 17.05
C ASN A 288 -2.09 0.90 15.99
N MET A 289 -0.84 0.86 16.45
CA MET A 289 0.29 1.02 15.54
C MET A 289 0.40 -0.15 14.59
N TRP A 290 0.92 0.14 13.39
CA TRP A 290 1.18 -0.89 12.40
C TRP A 290 2.60 -1.45 12.48
N GLN A 291 3.51 -0.75 13.16
CA GLN A 291 4.88 -1.23 13.27
C GLN A 291 4.96 -2.45 14.17
N GLY A 292 4.39 -2.35 15.37
CA GLY A 292 4.33 -3.47 16.29
C GLY A 292 3.18 -3.27 17.25
N THR A 293 2.72 -4.36 17.85
CA THR A 293 1.55 -4.30 18.72
C THR A 293 1.78 -3.29 19.83
N GLY A 294 0.94 -2.27 19.84
CA GLY A 294 1.05 -1.19 20.82
C GLY A 294 0.11 -0.07 20.45
N GLN A 295 0.02 0.90 21.35
CA GLN A 295 -0.87 2.04 21.21
C GLN A 295 -0.09 3.33 21.28
N ALA A 296 -0.30 4.20 20.30
CA ALA A 296 0.35 5.51 20.27
C ALA A 296 -0.72 6.59 20.32
N MET A 297 -0.52 7.61 21.15
CA MET A 297 -1.44 8.74 21.23
C MET A 297 -0.74 9.99 20.74
N TYR A 298 -1.39 10.70 19.82
CA TYR A 298 -0.87 11.94 19.27
C TYR A 298 -1.71 13.12 19.77
N ALA A 299 -1.22 14.32 19.50
CA ALA A 299 -1.93 15.52 19.89
C ALA A 299 -3.09 15.80 18.95
N PRO A 300 -4.04 16.63 19.37
CA PRO A 300 -5.19 16.97 18.50
C PRO A 300 -4.72 17.54 17.18
N PRO A 301 -5.59 17.61 16.17
CA PRO A 301 -5.16 18.02 14.83
C PRO A 301 -4.80 19.49 14.74
N ILE A 302 -4.09 19.83 13.67
CA ILE A 302 -3.64 21.19 13.40
C ILE A 302 -4.82 22.03 12.94
N ASP A 303 -4.63 23.35 12.84
CA ASP A 303 -5.67 24.24 12.39
C ASP A 303 -5.71 24.32 10.87
N GLY A 304 -6.80 24.87 10.34
CA GLY A 304 -6.93 25.10 8.92
C GLY A 304 -7.48 23.92 8.16
N LYS A 305 -7.60 24.12 6.84
CA LYS A 305 -8.10 23.08 5.94
C LYS A 305 -7.05 22.00 5.78
N ILE A 306 -7.36 20.78 6.22
CA ILE A 306 -6.50 19.61 6.02
C ILE A 306 -7.07 18.83 4.85
N ASN A 307 -6.29 18.68 3.79
CA ASN A 307 -6.80 18.09 2.56
C ASN A 307 -5.73 17.23 1.90
N CYS A 308 -6.13 16.04 1.46
CA CYS A 308 -5.27 15.15 0.69
C CYS A 308 -6.06 14.61 -0.50
N VAL A 309 -5.49 14.75 -1.68
CA VAL A 309 -6.04 14.17 -2.90
C VAL A 309 -5.11 13.03 -3.31
N SER A 310 -5.60 11.81 -3.23
CA SER A 310 -4.80 10.62 -3.50
C SER A 310 -5.44 9.79 -4.61
N ASN A 311 -4.62 8.98 -5.26
CA ASN A 311 -5.08 8.02 -6.24
C ASN A 311 -5.30 6.66 -5.57
N ILE A 312 -6.50 6.10 -5.74
CA ILE A 312 -6.74 4.71 -5.37
C ILE A 312 -6.20 3.84 -6.50
N THR A 313 -5.12 3.13 -6.24
CA THR A 313 -4.50 2.31 -7.26
C THR A 313 -4.60 0.81 -6.98
N GLY A 314 -5.14 0.42 -5.84
CA GLY A 314 -5.32 -0.99 -5.54
C GLY A 314 -6.24 -1.15 -4.35
N ILE A 315 -6.68 -2.40 -4.15
CA ILE A 315 -7.57 -2.76 -3.06
C ILE A 315 -7.02 -4.00 -2.38
N LEU A 316 -7.11 -4.03 -1.05
CA LEU A 316 -6.73 -5.18 -0.25
C LEU A 316 -8.00 -5.95 0.09
N LEU A 317 -8.04 -7.23 -0.30
CA LEU A 317 -9.26 -8.02 -0.21
C LEU A 317 -9.02 -9.33 0.55
N THR A 318 -9.96 -9.67 1.41
CA THR A 318 -9.99 -10.96 2.10
C THR A 318 -11.27 -11.67 1.71
N ARG A 319 -11.16 -12.95 1.38
CA ARG A 319 -12.29 -13.76 0.94
C ARG A 319 -12.86 -14.56 2.10
N ASP A 320 -14.19 -14.62 2.17
CA ASP A 320 -14.87 -15.39 3.20
C ASP A 320 -14.62 -16.89 3.02
N GLY A 321 -14.52 -17.59 4.15
CA GLY A 321 -14.42 -19.03 4.15
C GLY A 321 -15.78 -19.70 4.30
N GLY A 322 -15.75 -21.03 4.24
CA GLY A 322 -16.97 -21.80 4.36
C GLY A 322 -18.01 -21.51 3.29
N ALA A 323 -17.56 -21.38 2.04
CA ALA A 323 -18.46 -21.08 0.94
C ALA A 323 -18.31 -22.03 -0.24
N ASN A 324 -17.50 -23.08 -0.10
CA ASN A 324 -17.33 -24.02 -1.21
C ASN A 324 -18.68 -24.62 -1.62
N ASN A 325 -19.57 -24.82 -0.65
CA ASN A 325 -20.86 -25.44 -0.90
C ASN A 325 -21.97 -24.43 -1.21
N THR A 326 -21.63 -23.16 -1.42
CA THR A 326 -22.58 -22.16 -1.84
C THR A 326 -22.25 -21.73 -3.26
N SER A 327 -23.06 -20.82 -3.80
CA SER A 327 -22.83 -20.31 -5.14
C SER A 327 -22.22 -18.91 -5.14
N ASN A 328 -21.71 -18.45 -4.00
CA ASN A 328 -21.17 -17.11 -3.91
C ASN A 328 -19.75 -17.13 -3.35
N GLU A 329 -19.05 -16.01 -3.57
CA GLU A 329 -17.79 -15.71 -2.91
C GLU A 329 -17.87 -14.27 -2.41
N THR A 330 -17.77 -14.09 -1.11
CA THR A 330 -17.86 -12.77 -0.48
C THR A 330 -16.47 -12.23 -0.21
N PHE A 331 -16.25 -10.98 -0.59
CA PHE A 331 -14.95 -10.33 -0.44
C PHE A 331 -15.10 -9.10 0.43
N ARG A 332 -14.15 -8.93 1.37
CA ARG A 332 -14.16 -7.86 2.34
C ARG A 332 -12.84 -7.11 2.30
N PRO A 333 -12.88 -5.79 2.43
CA PRO A 333 -11.62 -5.02 2.45
C PRO A 333 -10.76 -5.42 3.63
N GLY A 334 -9.46 -5.61 3.37
CA GLY A 334 -8.52 -6.07 4.34
C GLY A 334 -7.46 -5.03 4.66
N GLY A 335 -6.38 -5.48 5.29
CA GLY A 335 -5.27 -4.59 5.62
C GLY A 335 -4.72 -4.86 7.01
N GLY A 336 -3.69 -4.11 7.39
CA GLY A 336 -3.09 -4.27 8.70
C GLY A 336 -1.62 -4.60 8.64
N ASP A 337 -1.26 -5.55 7.78
CA ASP A 337 0.14 -5.89 7.53
C ASP A 337 0.64 -5.03 6.37
N MET A 338 1.47 -4.03 6.68
CA MET A 338 1.92 -3.07 5.68
C MET A 338 2.84 -3.68 4.65
N ARG A 339 3.35 -4.89 4.88
CA ARG A 339 4.22 -5.53 3.89
C ARG A 339 3.47 -5.79 2.58
N ASP A 340 2.16 -6.03 2.64
CA ASP A 340 1.41 -6.16 1.40
C ASP A 340 1.38 -4.85 0.62
N ASN A 341 1.39 -3.71 1.33
CA ASN A 341 1.51 -2.43 0.64
C ASN A 341 2.83 -2.33 -0.12
N TRP A 342 3.96 -2.65 0.53
CA TRP A 342 5.24 -2.64 -0.20
C TRP A 342 5.27 -3.72 -1.27
N ARG A 343 4.71 -4.89 -0.97
CA ARG A 343 4.60 -5.98 -1.95
C ARG A 343 3.95 -5.52 -3.23
N SER A 344 2.87 -4.73 -3.14
CA SER A 344 2.13 -4.28 -4.31
C SER A 344 2.97 -3.42 -5.25
N GLU A 345 4.12 -2.92 -4.81
CA GLU A 345 5.05 -2.20 -5.68
C GLU A 345 6.33 -2.97 -5.96
N LEU A 346 6.77 -3.81 -5.04
CA LEU A 346 7.99 -4.60 -5.19
C LEU A 346 7.75 -5.91 -5.95
N TYR A 347 6.53 -6.17 -6.39
CA TYR A 347 6.18 -7.49 -6.92
C TYR A 347 7.01 -7.89 -8.14
N LYS A 348 7.49 -6.93 -8.93
CA LYS A 348 8.19 -7.26 -10.15
C LYS A 348 9.71 -7.26 -9.99
N TYR A 349 10.21 -7.23 -8.76
CA TYR A 349 11.65 -7.21 -8.52
C TYR A 349 12.07 -8.42 -7.71
N LYS A 350 13.31 -8.85 -7.91
CA LYS A 350 13.89 -9.93 -7.14
C LYS A 350 15.40 -9.79 -7.20
N VAL A 351 16.09 -10.15 -6.12
CA VAL A 351 17.52 -9.96 -5.99
C VAL A 351 18.22 -11.28 -6.31
N VAL A 352 19.26 -11.21 -7.15
CA VAL A 352 20.06 -12.36 -7.52
C VAL A 352 21.53 -12.05 -7.29
N GLN A 353 22.30 -13.10 -7.01
CA GLN A 353 23.74 -12.98 -6.83
C GLN A 353 24.44 -13.31 -8.13
N ILE A 354 25.48 -12.53 -8.46
CA ILE A 354 26.26 -12.76 -9.68
C ILE A 354 27.28 -13.84 -9.35
N GLU A 355 27.02 -15.06 -9.81
CA GLU A 355 27.86 -16.21 -9.49
C GLU A 355 29.29 -16.03 -9.98
C1 NAG B . -0.20 -16.46 -11.43
C2 NAG B . -1.30 -17.35 -10.84
C3 NAG B . -0.75 -18.75 -10.60
C4 NAG B . -0.14 -19.30 -11.88
C5 NAG B . 0.87 -18.32 -12.47
C6 NAG B . 1.38 -18.74 -13.83
C7 NAG B . -2.95 -16.06 -9.57
C8 NAG B . -3.36 -15.54 -8.23
N2 NAG B . -1.83 -16.78 -9.61
O3 NAG B . -1.82 -19.58 -10.17
O4 NAG B . 0.49 -20.55 -11.63
O5 NAG B . 0.28 -17.03 -12.65
O6 NAG B . 2.44 -19.67 -13.72
O7 NAG B . -3.61 -15.83 -10.59
C1 NAG C . 9.80 -6.21 -22.56
C2 NAG C . 8.62 -5.58 -23.28
C3 NAG C . 9.06 -4.32 -24.01
C4 NAG C . 9.77 -3.38 -23.06
C5 NAG C . 10.90 -4.11 -22.33
C6 NAG C . 11.57 -3.27 -21.26
C7 NAG C . 6.79 -7.03 -24.01
C8 NAG C . 6.31 -7.98 -25.08
N2 NAG C . 8.01 -6.51 -24.20
O3 NAG C . 7.91 -3.68 -24.58
O4 NAG C . 10.34 -2.28 -23.77
O5 NAG C . 10.39 -5.27 -21.67
O6 NAG C . 12.69 -3.93 -20.69
O7 NAG C . 6.10 -6.74 -23.04
C1 NAG D . -0.82 11.19 -2.60
C2 NAG D . -0.77 11.69 -1.16
C3 NAG D . -1.24 13.14 -1.08
C4 NAG D . -0.49 14.01 -2.09
C5 NAG D . -0.61 13.40 -3.48
C6 NAG D . 0.19 14.15 -4.53
C7 NAG D . -1.08 10.17 0.74
C8 NAG D . -2.07 9.36 1.53
N2 NAG D . -1.58 10.86 -0.28
O3 NAG D . -1.03 13.62 0.24
O4 NAG D . -1.04 15.32 -2.11
O5 NAG D . -0.11 12.07 -3.46
O6 NAG D . 1.58 13.93 -4.40
O7 NAG D . 0.12 10.18 1.02
C1 NAG E . -3.73 -23.48 -1.42
C2 NAG E . -2.79 -24.71 -1.34
C3 NAG E . -3.61 -26.00 -1.24
C4 NAG E . -4.64 -25.91 -0.12
C5 NAG E . -5.50 -24.67 -0.33
C6 NAG E . -6.54 -24.48 0.76
C7 NAG E . -0.58 -24.78 -2.40
C8 NAG E . 0.17 -24.83 -3.70
N2 NAG E . -1.91 -24.76 -2.50
O3 NAG E . -2.73 -27.10 -1.00
O4 NAG E . -5.48 -27.07 -0.12
O5 NAG E . -4.65 -23.51 -0.32
O6 NAG E . -5.98 -24.65 2.05
O7 NAG E . 0.00 -24.78 -1.31
C1 NAG F . -8.73 -2.59 -17.17
C2 NAG F . -9.00 -2.12 -18.59
C3 NAG F . -10.38 -2.58 -19.04
C4 NAG F . -10.56 -4.07 -18.84
C5 NAG F . -10.21 -4.45 -17.40
C6 NAG F . -10.24 -5.94 -17.14
C7 NAG F . -7.86 -0.06 -19.29
C8 NAG F . -7.91 1.44 -19.29
N2 NAG F . -8.88 -0.68 -18.69
O3 NAG F . -10.55 -2.27 -20.43
O4 NAG F . -11.90 -4.45 -19.11
O5 NAG F . -8.90 -4.00 -17.08
O6 NAG F . -9.89 -6.24 -15.80
O7 NAG F . -6.94 -0.69 -19.82
C1 NAG G . -11.47 18.40 -2.89
C2 NAG G . -11.49 19.30 -4.12
C3 NAG G . -11.61 20.77 -3.69
C4 NAG G . -12.81 20.96 -2.78
C5 NAG G . -12.73 20.00 -1.59
C6 NAG G . -13.96 20.05 -0.71
C7 NAG G . -10.25 18.21 -5.93
C8 NAG G . -8.96 18.14 -6.68
N2 NAG G . -10.31 19.10 -4.94
O3 NAG G . -11.74 21.58 -4.85
O4 NAG G . -12.83 22.30 -2.28
O5 NAG G . -12.63 18.65 -2.08
O6 NAG G . -15.01 19.25 -1.22
O7 NAG G . -11.20 17.49 -6.22
C1 NAG H . -17.30 11.17 -12.63
C2 NAG H . -17.28 12.60 -13.17
C3 NAG H . -17.86 12.66 -14.59
C4 NAG H . -17.19 11.62 -15.49
C5 NAG H . -17.32 10.25 -14.85
C6 NAG H . -16.68 9.14 -15.66
C7 NAG H . -17.58 14.64 -11.83
C8 NAG H . -18.52 15.41 -10.94
N2 NAG H . -18.04 13.48 -12.29
O3 NAG H . -17.65 13.96 -15.12
O4 NAG H . -17.80 11.61 -16.78
O5 NAG H . -16.66 10.28 -13.58
O6 NAG H . -15.34 8.91 -15.30
O7 NAG H . -16.47 15.07 -12.12
C1 NAG I . -20.01 2.76 8.68
C2 NAG I . -19.98 2.17 10.09
C3 NAG I . -21.14 1.20 10.29
C4 NAG I . -22.46 1.83 9.87
C5 NAG I . -22.36 2.39 8.46
C6 NAG I . -23.62 3.12 8.02
C7 NAG I . -18.13 1.43 11.53
C8 NAG I . -16.81 0.70 11.57
N2 NAG I . -18.70 1.51 10.33
O3 NAG I . -21.20 0.81 11.65
O4 NAG I . -23.50 0.84 9.90
O5 NAG I . -21.30 3.35 8.42
O6 NAG I . -23.72 4.40 8.61
O7 NAG I . -18.64 1.91 12.54
C1 NAG J . -2.84 10.10 -10.12
C2 NAG J . -1.32 10.33 -10.20
C3 NAG J . -0.94 11.08 -11.47
C4 NAG J . -1.51 10.37 -12.69
C5 NAG J . -3.02 10.23 -12.53
C6 NAG J . -3.67 9.46 -13.66
C7 NAG J . -0.02 10.54 -8.12
C8 NAG J . 0.35 11.43 -6.97
N2 NAG J . -0.87 11.06 -9.02
O3 NAG J . 0.48 11.13 -11.57
O4 NAG J . -1.22 11.10 -13.87
O5 NAG J . -3.30 9.49 -11.33
O6 NAG J . -4.04 8.16 -13.26
O7 NAG J . 0.42 9.40 -8.22
N1 EPE K . 19.63 1.76 5.56
C2 EPE K . 19.10 0.52 6.15
C3 EPE K . 18.81 -0.45 5.01
N4 EPE K . 18.12 0.15 3.87
C5 EPE K . 18.39 1.53 3.53
C6 EPE K . 18.59 2.41 4.76
C7 EPE K . 17.75 -0.72 2.77
C8 EPE K . 16.81 -1.84 3.20
O8 EPE K . 17.43 -2.65 4.16
C9 EPE K . 20.03 2.70 6.61
C10 EPE K . 21.39 3.28 6.24
S EPE K . 22.19 4.05 7.66
O1S EPE K . 21.16 4.68 8.48
O2S EPE K . 22.85 2.99 8.44
O3S EPE K . 23.16 5.04 7.23
C10 A1ATD L . -2.50 -1.20 11.64
CD A1ATD L . 3.63 -7.43 12.19
NE A1ATD L . 3.77 -8.83 11.86
CZ A1ATD L . 4.71 -9.21 10.80
NH1 A1ATD L . 4.84 -10.42 10.50
NH2 A1ATD L . 5.36 -8.33 10.20
C01 A1ATD L . 2.39 -7.15 13.02
C03 A1ATD L . 2.18 -6.51 15.05
C04 A1ATD L . 0.90 -5.77 15.46
C06 A1ATD L . -1.34 -5.06 14.63
C08 A1ATD L . -2.15 -3.75 12.38
C09 A1ATD L . -2.44 -2.29 12.75
C13 A1ATD L . -2.52 1.37 11.23
C14 A1ATD L . -2.70 1.29 9.86
C15 A1ATD L . -2.70 2.46 9.10
C17 A1ATD L . -2.49 3.68 9.70
C19 A1ATD L . -2.28 3.76 11.06
C20 A1ATD L . -2.29 2.60 11.82
C21 A1ATD L . -3.80 -2.10 13.39
C22 A1ATD L . -4.20 -3.00 14.49
C23 A1ATD L . -3.76 -4.47 14.11
C25 A1ATD L . 0.85 -4.63 13.35
C26 A1ATD L . 2.33 -4.97 13.27
C27 A1ATD L . -5.70 -3.06 14.87
F16 A1ATD L . -2.90 2.40 7.76
N02 A1ATD L . 2.68 -6.22 13.80
N05 A1ATD L . 0.11 -5.15 14.45
N07 A1ATD L . -2.33 -4.47 13.71
N12 A1ATD L . -2.50 0.19 12.10
O11 A1ATD L . -2.57 -1.46 10.49
O24 A1ATD L . -1.77 -5.55 15.62
O28 A1ATD L . -5.72 -3.67 16.15
CL1 A1ATD L . -2.47 5.18 8.73
C1 MPD M . 1.88 -17.29 -17.22
C2 MPD M . 2.54 -15.94 -17.46
O2 MPD M . 1.68 -15.16 -18.33
CM MPD M . 3.88 -16.10 -18.19
C3 MPD M . 2.74 -15.25 -16.10
C4 MPD M . 1.48 -14.72 -15.40
O4 MPD M . 1.89 -14.01 -14.26
C5 MPD M . 0.68 -13.75 -16.27
C1 MPD N . -9.90 -26.28 -1.27
C2 MPD N . -11.03 -25.88 -0.35
O2 MPD N . -12.25 -25.66 -1.13
CM MPD N . -10.65 -24.57 0.33
C3 MPD N . -11.27 -26.97 0.68
C4 MPD N . -11.89 -26.44 1.97
O4 MPD N . -12.64 -25.29 1.70
C5 MPD N . -12.80 -27.50 2.59
#